data_4AK1
#
_entry.id   4AK1
#
_cell.length_a   158.620
_cell.length_b   158.620
_cell.length_c   137.060
_cell.angle_alpha   90.00
_cell.angle_beta   90.00
_cell.angle_gamma   120.00
#
_symmetry.space_group_name_H-M   'P 63 2 2'
#
loop_
_entity.id
_entity.type
_entity.pdbx_description
1 polymer BT_4661
2 non-polymer 'SODIUM ION'
3 water water
#
_entity_poly.entity_id   1
_entity_poly.type   'polypeptide(L)'
_entity_poly.pdbx_seq_one_letter_code
;MGSDTETTDSTKFTIYYTGMTDIGPSMTGVISSPTYKGGTPYDFAITRITLDGEPFSDSIFAIDSETGKITLNSTSNTPV
GLYKLSVACYSNNNRYEYTDIVEINMMKPVPDGIKTDPEKLQVEYADIIDTESSNELPTSQIRTEGNHISISNYTIASAM
WNGVAVESPEDYFAVSDKGEISIIKGNQNIQPGKYILSFKLTTAATGEDPEKGIFENALEINVTSRPLSLIYTPDEGKIE
EEGERSPETTFQSNIPALKGSAEGLVYSISSVSPNTDKITIDPTTGVLSVAAHHGFKDGEKYQISVKAINEFSPEGVVFE
NVFTLNTVEFIEPIANFGYADVNDVQAVEIDINKNENFKGDEVKYEFVNLPTDLQGELALDLDGNIAIKKGNKIPVGQYT
VQVMATNTKGSETATFTLTITANPNYFTYFRYGNNLGLTPIENYADQFRIEAGGKLNSVKPVPTATDAKDGLSSLKWEVE
LKHNPNNTKATINESTGQITITGLKQGQCGMVMVTATAGEGKTAVSVKQPVFFHFSMISDSNVQLEYTPFVFQVNPARGG
ESIAPSLGAGIDKSTFRLDYRRDFFYYNIAGPDSHISGALAQKVDNFLSEMWNSYDATAGTSRKPMSYFENTTNLSKALG
YIDQTDFKVHINPNLWRNKDGYANGAMIGQITYDVTGKDPQAATSGARVSPIFIWFDTKFLEHHHHHH
;
_entity_poly.pdbx_strand_id   A
#
# COMPACT_ATOMS: atom_id res chain seq x y z
N PHE A 13 -13.62 -2.29 9.37
CA PHE A 13 -14.00 -2.86 10.70
C PHE A 13 -15.00 -4.01 10.61
N THR A 14 -14.64 -5.15 11.20
CA THR A 14 -15.52 -6.31 11.25
CA THR A 14 -15.51 -6.31 11.26
C THR A 14 -15.54 -6.86 12.68
N ILE A 15 -16.64 -7.54 13.03
CA ILE A 15 -16.84 -8.04 14.40
C ILE A 15 -17.80 -9.22 14.44
N TYR A 16 -17.53 -10.17 15.32
CA TYR A 16 -18.46 -11.23 15.67
C TYR A 16 -18.25 -11.64 17.12
N TYR A 17 -19.22 -12.38 17.66
CA TYR A 17 -19.21 -12.80 19.06
C TYR A 17 -19.08 -14.31 19.19
N THR A 18 -18.35 -14.74 20.21
CA THR A 18 -18.32 -16.15 20.62
C THR A 18 -18.63 -16.25 22.11
N GLY A 19 -19.02 -17.43 22.58
CA GLY A 19 -19.34 -17.62 24.00
C GLY A 19 -20.38 -18.70 24.25
N MET A 20 -21.04 -18.61 25.41
CA MET A 20 -21.96 -19.63 25.89
C MET A 20 -23.35 -19.45 25.30
N THR A 21 -23.89 -20.46 24.64
CA THR A 21 -25.27 -20.38 24.15
C THR A 21 -26.30 -20.58 25.26
N ASP A 22 -26.19 -21.69 25.97
CA ASP A 22 -27.16 -22.04 26.99
C ASP A 22 -26.72 -21.57 28.36
N ILE A 23 -27.57 -20.77 29.01
CA ILE A 23 -27.33 -20.37 30.40
C ILE A 23 -28.57 -20.59 31.26
N GLY A 24 -28.40 -20.43 32.58
CA GLY A 24 -29.50 -20.34 33.54
C GLY A 24 -29.48 -19.02 34.30
N PRO A 25 -30.46 -18.82 35.20
CA PRO A 25 -30.58 -17.55 35.93
C PRO A 25 -29.45 -17.27 36.93
N SER A 26 -28.64 -18.27 37.25
CA SER A 26 -27.55 -18.11 38.21
C SER A 26 -26.20 -17.74 37.58
N MET A 27 -26.20 -17.50 36.27
CA MET A 27 -24.97 -17.22 35.53
C MET A 27 -24.33 -15.87 35.89
N THR A 28 -23.10 -15.89 36.38
CA THR A 28 -22.43 -14.64 36.79
C THR A 28 -21.18 -14.31 35.97
N GLY A 29 -20.78 -15.21 35.08
CA GLY A 29 -19.62 -14.96 34.23
C GLY A 29 -19.96 -14.23 32.94
N VAL A 30 -18.93 -13.99 32.14
CA VAL A 30 -19.09 -13.41 30.81
C VAL A 30 -19.77 -14.46 29.95
N ILE A 31 -20.84 -14.04 29.28
CA ILE A 31 -21.65 -14.92 28.44
C ILE A 31 -21.10 -14.95 27.01
N SER A 32 -20.68 -13.80 26.50
CA SER A 32 -20.27 -13.68 25.11
C SER A 32 -19.31 -12.50 24.96
N SER A 33 -18.27 -12.69 24.14
CA SER A 33 -17.20 -11.71 23.93
C SER A 33 -16.93 -11.52 22.42
N PRO A 34 -16.56 -10.29 22.02
CA PRO A 34 -16.26 -9.98 20.62
C PRO A 34 -14.85 -10.32 20.14
N THR A 35 -14.77 -10.69 18.87
CA THR A 35 -13.52 -10.80 18.12
C THR A 35 -13.70 -9.81 16.97
N TYR A 36 -12.71 -8.93 16.78
CA TYR A 36 -12.82 -7.87 15.80
C TYR A 36 -11.55 -7.75 14.94
N LYS A 37 -11.72 -7.17 13.75
CA LYS A 37 -10.61 -6.81 12.87
C LYS A 37 -10.78 -5.33 12.53
N GLY A 38 -9.67 -4.60 12.42
CA GLY A 38 -9.74 -3.15 12.22
C GLY A 38 -9.52 -2.37 13.52
N GLY A 39 -10.00 -1.13 13.54
CA GLY A 39 -9.76 -0.22 14.68
C GLY A 39 -10.41 -0.72 15.95
N THR A 40 -9.69 -0.63 17.08
CA THR A 40 -10.18 -1.13 18.37
C THR A 40 -11.52 -0.48 18.72
N PRO A 41 -12.57 -1.31 18.89
CA PRO A 41 -13.90 -0.77 19.18
C PRO A 41 -14.06 -0.25 20.61
N TYR A 42 -15.04 0.64 20.78
CA TYR A 42 -15.32 1.30 22.05
C TYR A 42 -16.77 1.81 22.02
N ASP A 43 -17.22 2.29 23.18
CA ASP A 43 -18.62 2.76 23.36
C ASP A 43 -19.64 1.72 22.90
N PHE A 44 -19.49 0.49 23.38
CA PHE A 44 -20.47 -0.57 23.13
C PHE A 44 -21.81 -0.28 23.81
N ALA A 45 -22.91 -0.66 23.16
CA ALA A 45 -24.27 -0.55 23.73
C ALA A 45 -25.11 -1.69 23.18
N ILE A 46 -26.05 -2.17 24.00
CA ILE A 46 -27.07 -3.09 23.51
C ILE A 46 -28.25 -2.20 23.08
N THR A 47 -28.60 -2.23 21.80
CA THR A 47 -29.65 -1.34 21.30
C THR A 47 -31.02 -2.01 21.30
N ARG A 48 -31.05 -3.34 21.32
CA ARG A 48 -32.31 -4.07 21.37
C ARG A 48 -32.12 -5.48 21.92
N ILE A 49 -33.11 -5.93 22.67
CA ILE A 49 -33.18 -7.33 23.09
C ILE A 49 -34.54 -7.85 22.67
N THR A 50 -34.58 -9.00 21.99
CA THR A 50 -35.86 -9.66 21.72
C THR A 50 -35.90 -11.01 22.43
N LEU A 51 -37.10 -11.46 22.77
CA LEU A 51 -37.28 -12.80 23.33
C LEU A 51 -38.36 -13.50 22.52
N ASP A 52 -37.99 -14.61 21.88
CA ASP A 52 -38.96 -15.41 21.14
C ASP A 52 -39.73 -14.55 20.11
N GLY A 53 -38.99 -13.73 19.37
CA GLY A 53 -39.55 -12.91 18.29
C GLY A 53 -40.33 -11.65 18.71
N GLU A 54 -40.28 -11.30 19.99
CA GLU A 54 -40.97 -10.10 20.48
C GLU A 54 -40.04 -9.22 21.30
N PRO A 55 -40.33 -7.90 21.39
CA PRO A 55 -39.44 -7.04 22.16
C PRO A 55 -39.43 -7.46 23.63
N PHE A 56 -38.25 -7.37 24.23
CA PHE A 56 -38.07 -7.64 25.66
C PHE A 56 -37.71 -6.32 26.35
N SER A 57 -38.62 -5.88 27.22
CA SER A 57 -38.57 -4.57 27.87
C SER A 57 -37.39 -4.35 28.84
N ASP A 58 -37.17 -5.29 29.74
CA ASP A 58 -36.24 -5.12 30.87
C ASP A 58 -34.77 -5.28 30.45
N SER A 59 -33.89 -4.63 31.20
CA SER A 59 -32.45 -4.70 30.94
C SER A 59 -31.84 -5.97 31.54
N ILE A 60 -32.15 -7.11 30.91
CA ILE A 60 -31.71 -8.41 31.41
C ILE A 60 -30.19 -8.67 31.22
N PHE A 61 -29.65 -8.25 30.09
CA PHE A 61 -28.22 -8.39 29.82
C PHE A 61 -27.52 -7.05 29.81
N ALA A 62 -26.27 -7.03 30.26
CA ALA A 62 -25.46 -5.82 30.24
C ALA A 62 -24.25 -6.02 29.32
N ILE A 63 -23.69 -4.93 28.83
CA ILE A 63 -22.51 -4.97 27.98
C ILE A 63 -21.51 -3.95 28.54
N ASP A 64 -20.26 -4.36 28.67
CA ASP A 64 -19.21 -3.46 29.13
C ASP A 64 -18.88 -2.54 27.96
N SER A 65 -19.00 -1.24 28.21
CA SER A 65 -18.90 -0.23 27.17
C SER A 65 -17.50 -0.21 26.53
N GLU A 66 -16.49 -0.60 27.29
CA GLU A 66 -15.13 -0.64 26.79
C GLU A 66 -14.77 -1.96 26.09
N THR A 67 -15.15 -3.10 26.67
CA THR A 67 -14.71 -4.41 26.16
C THR A 67 -15.74 -5.07 25.25
N GLY A 68 -17.01 -4.69 25.40
CA GLY A 68 -18.07 -5.30 24.62
C GLY A 68 -18.52 -6.68 25.10
N LYS A 69 -18.01 -7.10 26.26
CA LYS A 69 -18.38 -8.37 26.85
C LYS A 69 -19.75 -8.32 27.53
N ILE A 70 -20.48 -9.42 27.43
CA ILE A 70 -21.90 -9.48 27.82
C ILE A 70 -22.14 -10.35 29.04
N THR A 71 -22.86 -9.81 30.00
CA THR A 71 -23.15 -10.51 31.25
C THR A 71 -24.66 -10.43 31.57
N LEU A 72 -25.11 -11.25 32.52
CA LEU A 72 -26.49 -11.25 32.97
C LEU A 72 -26.67 -10.31 34.17
N ASN A 73 -27.66 -9.42 34.09
CA ASN A 73 -28.02 -8.60 35.24
CA ASN A 73 -28.05 -8.59 35.23
C ASN A 73 -28.81 -9.42 36.27
N SER A 74 -28.25 -9.53 37.47
CA SER A 74 -28.77 -10.42 38.50
C SER A 74 -30.13 -10.06 39.11
N THR A 75 -30.54 -8.80 38.99
CA THR A 75 -31.84 -8.40 39.56
C THR A 75 -33.00 -8.56 38.57
N SER A 76 -32.68 -8.86 37.31
CA SER A 76 -33.67 -8.94 36.23
C SER A 76 -34.52 -10.21 36.30
N ASN A 77 -35.78 -10.10 35.88
CA ASN A 77 -36.57 -11.28 35.57
C ASN A 77 -35.92 -12.06 34.44
N THR A 78 -36.03 -13.39 34.50
CA THR A 78 -35.38 -14.26 33.51
C THR A 78 -36.33 -15.32 32.95
N PRO A 79 -37.34 -14.90 32.16
CA PRO A 79 -38.21 -15.91 31.54
C PRO A 79 -37.46 -16.80 30.55
N VAL A 80 -38.01 -17.99 30.33
CA VAL A 80 -37.33 -19.01 29.54
C VAL A 80 -37.53 -18.80 28.05
N GLY A 81 -36.43 -18.87 27.30
CA GLY A 81 -36.49 -18.84 25.84
C GLY A 81 -35.24 -18.27 25.21
N LEU A 82 -35.24 -18.16 23.88
CA LEU A 82 -34.08 -17.64 23.14
C LEU A 82 -34.10 -16.12 23.02
N TYR A 83 -33.07 -15.47 23.56
CA TYR A 83 -32.89 -14.03 23.51
C TYR A 83 -31.96 -13.65 22.36
N LYS A 84 -32.29 -12.57 21.65
CA LYS A 84 -31.41 -12.04 20.61
C LYS A 84 -31.05 -10.60 20.93
N LEU A 85 -29.76 -10.31 20.90
CA LEU A 85 -29.22 -9.02 21.32
C LEU A 85 -28.69 -8.30 20.09
N SER A 86 -29.09 -7.03 19.94
CA SER A 86 -28.49 -6.20 18.91
C SER A 86 -27.47 -5.27 19.57
N VAL A 87 -26.32 -5.11 18.92
CA VAL A 87 -25.19 -4.39 19.52
C VAL A 87 -24.67 -3.29 18.61
N ALA A 88 -24.41 -2.13 19.21
CA ALA A 88 -23.73 -1.05 18.51
C ALA A 88 -22.39 -0.74 19.18
N CYS A 89 -21.46 -0.22 18.39
CA CYS A 89 -20.17 0.24 18.92
C CYS A 89 -19.55 1.25 17.94
N TYR A 90 -18.43 1.84 18.35
CA TYR A 90 -17.67 2.71 17.46
C TYR A 90 -16.30 2.11 17.18
N SER A 91 -15.76 2.44 16.00
CA SER A 91 -14.41 2.11 15.61
C SER A 91 -13.93 3.28 14.75
N ASN A 92 -12.78 3.84 15.11
CA ASN A 92 -12.19 4.98 14.39
C ASN A 92 -13.24 6.07 14.10
N ASN A 93 -13.96 6.46 15.15
CA ASN A 93 -14.95 7.55 15.12
C ASN A 93 -16.29 7.28 14.40
N ASN A 94 -16.45 6.08 13.85
CA ASN A 94 -17.68 5.71 13.14
C ASN A 94 -18.52 4.72 13.92
N ARG A 95 -19.84 4.88 13.82
CA ARG A 95 -20.79 4.01 14.51
C ARG A 95 -21.19 2.82 13.64
N TYR A 96 -21.22 1.64 14.26
CA TYR A 96 -21.67 0.42 13.60
C TYR A 96 -22.74 -0.21 14.45
N GLU A 97 -23.74 -0.79 13.81
CA GLU A 97 -24.79 -1.49 14.50
C GLU A 97 -25.07 -2.85 13.87
N TYR A 98 -25.25 -3.86 14.71
CA TYR A 98 -25.47 -5.25 14.28
C TYR A 98 -26.73 -5.85 14.90
N THR A 99 -27.71 -6.15 14.06
CA THR A 99 -28.96 -6.74 14.51
C THR A 99 -28.79 -8.22 14.88
N ASP A 100 -29.22 -8.58 16.09
CA ASP A 100 -29.25 -10.00 16.52
C ASP A 100 -27.89 -10.68 16.31
N ILE A 101 -26.82 -9.99 16.70
CA ILE A 101 -25.45 -10.51 16.61
C ILE A 101 -25.14 -11.56 17.71
N VAL A 102 -25.85 -11.46 18.83
CA VAL A 102 -25.66 -12.39 19.94
C VAL A 102 -26.98 -13.06 20.29
N GLU A 103 -26.94 -14.39 20.39
CA GLU A 103 -28.10 -15.20 20.81
C GLU A 103 -27.82 -15.89 22.14
N ILE A 104 -28.74 -15.76 23.10
CA ILE A 104 -28.62 -16.38 24.41
C ILE A 104 -29.88 -17.18 24.74
N ASN A 105 -29.68 -18.47 24.95
CA ASN A 105 -30.78 -19.36 25.32
C ASN A 105 -30.88 -19.46 26.84
N MET A 106 -31.89 -18.80 27.43
CA MET A 106 -32.13 -18.91 28.86
C MET A 106 -32.99 -20.13 29.18
N MET A 107 -32.43 -21.06 29.94
CA MET A 107 -33.12 -22.29 30.30
C MET A 107 -33.77 -22.22 31.68
N LYS A 108 -34.68 -23.16 31.94
CA LYS A 108 -35.30 -23.33 33.24
C LYS A 108 -34.34 -24.12 34.12
N PRO A 109 -34.16 -23.70 35.40
CA PRO A 109 -33.38 -24.54 36.30
C PRO A 109 -34.06 -25.90 36.45
N VAL A 110 -33.27 -26.93 36.70
CA VAL A 110 -33.83 -28.25 37.04
C VAL A 110 -34.62 -28.15 38.35
N PRO A 111 -35.57 -29.07 38.59
CA PRO A 111 -36.36 -29.05 39.82
C PRO A 111 -35.52 -29.09 41.11
N ASP A 112 -36.15 -28.64 42.19
CA ASP A 112 -35.53 -28.41 43.48
C ASP A 112 -34.57 -29.50 43.98
N GLY A 113 -35.06 -30.72 44.12
CA GLY A 113 -34.35 -31.77 44.86
C GLY A 113 -33.36 -32.63 44.11
N ILE A 114 -32.49 -32.00 43.31
CA ILE A 114 -31.45 -32.75 42.61
C ILE A 114 -30.06 -32.44 43.18
N LYS A 115 -29.39 -33.47 43.68
CA LYS A 115 -28.08 -33.34 44.32
C LYS A 115 -26.94 -33.77 43.34
N THR A 116 -25.69 -33.64 43.91
CA THR A 116 -24.50 -33.89 43.09
C THR A 116 -23.69 -35.11 43.55
N THR A 144 -31.56 -38.08 43.28
CA THR A 144 -32.64 -37.09 43.46
C THR A 144 -33.37 -37.31 44.80
N GLU A 145 -33.88 -36.22 45.38
CA GLU A 145 -34.61 -36.25 46.64
C GLU A 145 -35.69 -37.34 46.65
N GLY A 146 -35.37 -38.45 47.33
CA GLY A 146 -36.28 -39.59 47.48
C GLY A 146 -36.81 -40.19 46.19
N ASN A 147 -35.95 -40.25 45.17
CA ASN A 147 -36.31 -40.80 43.86
C ASN A 147 -37.61 -40.23 43.26
N HIS A 148 -37.90 -38.90 43.58
CA HIS A 148 -39.17 -38.31 43.13
C HIS A 148 -39.06 -37.80 41.71
N ILE A 149 -37.84 -37.56 41.27
CA ILE A 149 -37.59 -37.02 39.93
C ILE A 149 -36.62 -37.94 39.18
N SER A 150 -37.10 -38.36 37.96
CA SER A 150 -36.29 -39.21 37.11
C SER A 150 -35.56 -38.39 36.06
N ILE A 151 -34.41 -38.90 35.65
CA ILE A 151 -33.58 -38.25 34.66
C ILE A 151 -33.38 -39.22 33.49
N SER A 152 -33.62 -38.73 32.29
CA SER A 152 -33.53 -39.55 31.08
C SER A 152 -32.31 -39.19 30.24
N ASN A 153 -31.71 -38.03 30.54
CA ASN A 153 -30.56 -37.53 29.80
C ASN A 153 -29.61 -36.72 30.67
N TYR A 154 -28.31 -37.02 30.54
CA TYR A 154 -27.27 -36.28 31.25
C TYR A 154 -26.30 -35.68 30.23
N THR A 155 -26.04 -34.37 30.34
CA THR A 155 -25.02 -33.69 29.53
C THR A 155 -24.32 -32.63 30.37
N ILE A 156 -23.00 -32.47 30.18
CA ILE A 156 -22.27 -31.35 30.77
C ILE A 156 -22.59 -30.08 29.98
N ALA A 157 -23.14 -29.08 30.67
CA ALA A 157 -23.38 -27.77 30.06
C ALA A 157 -22.09 -26.97 29.90
N SER A 158 -21.32 -26.86 30.99
CA SER A 158 -20.03 -26.17 30.98
C SER A 158 -19.24 -26.41 32.27
N ALA A 159 -17.94 -26.16 32.19
CA ALA A 159 -17.08 -26.14 33.38
C ALA A 159 -16.43 -24.77 33.45
N MET A 160 -16.70 -24.04 34.53
CA MET A 160 -16.19 -22.67 34.70
C MET A 160 -14.80 -22.67 35.31
N ASN A 189 -3.94 -30.22 30.35
CA ASN A 189 -4.58 -28.92 30.26
C ASN A 189 -5.23 -28.46 31.56
N ILE A 190 -5.30 -29.38 32.53
CA ILE A 190 -5.86 -29.09 33.86
C ILE A 190 -5.03 -28.02 34.59
N GLN A 191 -5.72 -27.27 35.46
CA GLN A 191 -5.08 -26.19 36.21
C GLN A 191 -5.41 -26.28 37.70
N PRO A 192 -4.44 -25.96 38.58
CA PRO A 192 -4.76 -25.77 40.00
C PRO A 192 -5.86 -24.72 40.21
N GLY A 193 -6.77 -24.99 41.14
CA GLY A 193 -7.89 -24.09 41.38
C GLY A 193 -9.22 -24.83 41.28
N LYS A 194 -10.31 -24.11 41.50
CA LYS A 194 -11.62 -24.73 41.55
C LYS A 194 -12.34 -24.70 40.19
N TYR A 195 -12.88 -25.86 39.81
CA TYR A 195 -13.72 -25.99 38.61
C TYR A 195 -15.17 -26.14 39.01
N ILE A 196 -16.02 -25.30 38.41
CA ILE A 196 -17.45 -25.34 38.67
C ILE A 196 -18.17 -25.94 37.47
N LEU A 197 -18.79 -27.10 37.70
CA LEU A 197 -19.49 -27.85 36.65
C LEU A 197 -20.99 -27.62 36.64
N SER A 198 -21.53 -27.51 35.43
CA SER A 198 -22.96 -27.36 35.20
C SER A 198 -23.47 -28.44 34.25
N PHE A 199 -24.72 -28.85 34.43
CA PHE A 199 -25.29 -29.91 33.60
C PHE A 199 -26.59 -29.53 32.90
N LYS A 200 -26.83 -30.15 31.73
CA LYS A 200 -28.14 -30.16 31.10
C LYS A 200 -28.81 -31.52 31.37
N LEU A 201 -29.98 -31.50 32.00
CA LEU A 201 -30.69 -32.74 32.31
C LEU A 201 -32.12 -32.71 31.80
N THR A 202 -32.59 -33.85 31.32
CA THR A 202 -33.98 -34.06 30.99
C THR A 202 -34.62 -34.80 32.15
N THR A 203 -35.64 -34.17 32.74
CA THR A 203 -36.24 -34.66 33.99
C THR A 203 -37.77 -34.58 33.97
N ALA A 204 -38.39 -35.36 34.84
CA ALA A 204 -39.84 -35.35 35.04
C ALA A 204 -40.18 -36.00 36.37
N ALA A 205 -41.17 -35.45 37.05
CA ALA A 205 -41.80 -36.13 38.19
C ALA A 205 -42.67 -37.25 37.65
N THR A 206 -43.02 -38.22 38.50
CA THR A 206 -43.86 -39.33 38.11
C THR A 206 -45.12 -38.85 37.41
N GLY A 207 -45.39 -39.40 36.23
CA GLY A 207 -46.58 -39.04 35.45
C GLY A 207 -46.57 -37.68 34.77
N GLU A 208 -45.46 -36.95 34.86
CA GLU A 208 -45.36 -35.65 34.20
C GLU A 208 -44.55 -35.67 32.90
N ASP A 209 -44.86 -34.73 32.02
CA ASP A 209 -44.14 -34.56 30.75
C ASP A 209 -42.70 -34.15 31.03
N PRO A 210 -41.72 -34.79 30.35
CA PRO A 210 -40.30 -34.50 30.53
C PRO A 210 -39.89 -33.08 30.11
N GLU A 211 -38.88 -32.54 30.78
CA GLU A 211 -38.38 -31.18 30.54
C GLU A 211 -36.87 -31.10 30.56
N LYS A 212 -36.28 -30.45 29.54
CA LYS A 212 -34.84 -30.20 29.51
C LYS A 212 -34.55 -28.97 30.36
N GLY A 213 -33.73 -29.13 31.39
CA GLY A 213 -33.39 -28.02 32.28
C GLY A 213 -31.89 -27.87 32.47
N ILE A 214 -31.50 -26.83 33.21
CA ILE A 214 -30.09 -26.62 33.54
C ILE A 214 -29.83 -26.82 35.04
N PHE A 215 -28.77 -27.55 35.34
CA PHE A 215 -28.33 -27.81 36.70
C PHE A 215 -27.05 -26.99 36.93
N GLU A 216 -27.24 -25.77 37.45
CA GLU A 216 -26.14 -24.81 37.60
C GLU A 216 -25.35 -25.00 38.89
N ASN A 217 -24.04 -24.71 38.81
CA ASN A 217 -23.10 -24.82 39.93
C ASN A 217 -23.22 -26.15 40.68
N ALA A 218 -23.43 -27.23 39.92
CA ALA A 218 -23.72 -28.54 40.49
C ALA A 218 -22.58 -29.11 41.33
N LEU A 219 -21.34 -28.95 40.84
CA LEU A 219 -20.18 -29.57 41.49
C LEU A 219 -18.95 -28.67 41.48
N GLU A 220 -18.31 -28.55 42.65
CA GLU A 220 -17.01 -27.89 42.77
C GLU A 220 -15.90 -28.94 42.78
N ILE A 221 -14.91 -28.80 41.91
CA ILE A 221 -13.76 -29.70 41.90
C ILE A 221 -12.49 -28.88 42.11
N ASN A 222 -11.85 -29.04 43.26
CA ASN A 222 -10.63 -28.29 43.57
C ASN A 222 -9.36 -29.09 43.32
N VAL A 223 -8.53 -28.60 42.39
CA VAL A 223 -7.33 -29.30 41.98
C VAL A 223 -6.09 -28.75 42.70
N ARG A 226 1.04 -26.76 46.07
CA ARG A 226 2.28 -26.04 45.79
C ARG A 226 2.11 -25.06 44.62
N PRO A 227 2.70 -23.84 44.73
CA PRO A 227 2.62 -22.83 43.66
C PRO A 227 3.16 -23.32 42.30
N LEU A 230 5.14 -19.06 38.21
CA LEU A 230 4.82 -17.67 38.50
C LEU A 230 5.36 -16.79 37.37
N ILE A 231 4.45 -16.26 36.53
CA ILE A 231 4.85 -15.53 35.32
C ILE A 231 4.36 -14.08 35.30
N TYR A 232 5.31 -13.15 35.15
CA TYR A 232 5.02 -11.73 34.98
C TYR A 232 5.01 -11.38 33.51
N THR A 233 3.93 -10.76 33.04
CA THR A 233 3.82 -10.32 31.64
C THR A 233 3.67 -8.79 31.55
N PRO A 234 4.72 -8.10 31.05
CA PRO A 234 6.03 -8.68 30.74
C PRO A 234 6.89 -8.92 31.99
N ASP A 235 8.06 -9.50 31.80
CA ASP A 235 8.99 -9.83 32.89
C ASP A 235 10.03 -8.75 33.14
N GLU A 236 10.18 -7.83 32.19
CA GLU A 236 11.09 -6.69 32.31
C GLU A 236 10.32 -5.37 32.43
N GLY A 237 10.89 -4.44 33.18
CA GLY A 237 10.25 -3.16 33.46
C GLY A 237 11.26 -2.07 33.72
N LYS A 238 10.86 -0.83 33.49
CA LYS A 238 11.77 0.31 33.56
C LYS A 238 11.38 1.26 34.70
N ILE A 239 12.39 1.71 35.45
CA ILE A 239 12.24 2.81 36.39
C ILE A 239 13.27 3.89 36.06
N GLU A 240 12.90 5.15 36.25
CA GLU A 240 13.76 6.26 35.88
C GLU A 240 14.52 6.86 37.07
N GLU A 241 15.75 7.30 36.82
CA GLU A 241 16.55 7.96 37.85
C GLU A 241 15.91 9.32 38.15
N GLU A 242 15.87 9.68 39.44
CA GLU A 242 15.26 10.95 39.85
C GLU A 242 16.18 12.14 39.56
N GLY A 243 15.58 13.30 39.31
CA GLY A 243 16.34 14.53 39.07
C GLY A 243 15.44 15.75 39.07
N GLU A 244 15.98 16.88 38.63
CA GLU A 244 15.25 18.16 38.60
C GLU A 244 13.92 18.10 37.83
N ARG A 245 13.88 17.31 36.77
CA ARG A 245 12.71 17.21 35.88
C ARG A 245 11.68 16.17 36.35
N SER A 246 12.16 15.19 37.12
CA SER A 246 11.30 14.19 37.78
C SER A 246 11.86 13.84 39.17
N PRO A 247 11.52 14.65 40.20
CA PRO A 247 12.15 14.46 41.50
C PRO A 247 11.58 13.28 42.30
N GLU A 248 10.41 12.78 41.87
CA GLU A 248 9.77 11.63 42.50
C GLU A 248 9.36 10.61 41.43
N THR A 249 10.06 9.46 41.37
CA THR A 249 9.71 8.41 40.41
C THR A 249 9.41 7.09 41.10
N THR A 250 8.48 6.33 40.53
CA THR A 250 8.00 5.10 41.15
C THR A 250 7.99 3.93 40.16
N PHE A 251 7.60 2.76 40.64
CA PHE A 251 7.39 1.60 39.78
C PHE A 251 6.32 0.68 40.34
N GLN A 252 5.52 0.12 39.42
CA GLN A 252 4.56 -0.94 39.75
C GLN A 252 4.46 -1.93 38.57
N SER A 253 4.64 -3.22 38.85
CA SER A 253 4.52 -4.25 37.81
C SER A 253 3.06 -4.70 37.64
N ASN A 254 2.80 -5.55 36.65
CA ASN A 254 1.47 -6.16 36.51
C ASN A 254 1.33 -7.30 37.51
N ILE A 255 0.09 -7.75 37.71
CA ILE A 255 -0.18 -8.92 38.56
C ILE A 255 0.36 -10.18 37.87
N PRO A 256 1.24 -10.93 38.56
CA PRO A 256 1.75 -12.20 37.98
C PRO A 256 0.65 -13.26 37.86
N ALA A 257 0.84 -14.21 36.93
CA ALA A 257 -0.15 -15.26 36.70
C ALA A 257 0.10 -16.50 37.57
N ASN A 275 21.49 -6.37 45.61
CA ASN A 275 21.00 -6.19 46.98
C ASN A 275 20.34 -4.83 47.15
N THR A 276 19.07 -4.82 47.53
CA THR A 276 18.34 -3.58 47.81
C THR A 276 17.11 -3.83 48.70
N ASP A 277 16.77 -2.84 49.52
CA ASP A 277 15.57 -2.90 50.36
C ASP A 277 14.44 -1.98 49.85
N LYS A 278 14.64 -1.40 48.66
CA LYS A 278 13.69 -0.43 48.09
C LYS A 278 12.59 -1.06 47.23
N ILE A 279 12.73 -2.35 46.93
CA ILE A 279 11.70 -3.06 46.16
C ILE A 279 10.82 -3.90 47.10
N THR A 280 9.52 -3.65 47.05
CA THR A 280 8.58 -4.36 47.91
C THR A 280 7.57 -5.15 47.08
N ILE A 281 6.80 -5.99 47.78
CA ILE A 281 5.84 -6.88 47.17
C ILE A 281 4.56 -6.94 48.02
N ASP A 282 3.41 -6.88 47.36
CA ASP A 282 2.12 -7.11 48.03
C ASP A 282 2.00 -8.61 48.24
N PRO A 283 1.93 -9.06 49.51
CA PRO A 283 1.95 -10.50 49.82
C PRO A 283 0.80 -11.29 49.17
N THR A 284 -0.36 -10.67 49.01
CA THR A 284 -1.53 -11.35 48.45
C THR A 284 -1.50 -11.43 46.92
N THR A 285 -1.17 -10.33 46.25
CA THR A 285 -1.22 -10.26 44.79
C THR A 285 0.12 -10.54 44.09
N GLY A 286 1.23 -10.32 44.78
CA GLY A 286 2.55 -10.49 44.19
C GLY A 286 3.02 -9.36 43.28
N VAL A 287 2.35 -8.21 43.36
CA VAL A 287 2.79 -7.01 42.62
C VAL A 287 4.06 -6.43 43.25
N LEU A 288 5.05 -6.15 42.39
CA LEU A 288 6.33 -5.56 42.78
C LEU A 288 6.26 -4.03 42.67
N SER A 289 6.76 -3.34 43.69
CA SER A 289 6.57 -1.90 43.83
C SER A 289 7.81 -1.22 44.36
N VAL A 290 7.99 0.04 43.96
CA VAL A 290 9.10 0.88 44.43
C VAL A 290 8.56 2.30 44.61
N ALA A 291 8.72 2.84 45.81
CA ALA A 291 8.34 4.21 46.11
C ALA A 291 9.43 5.20 45.69
N ALA A 292 9.08 6.49 45.68
CA ALA A 292 9.99 7.58 45.37
C ALA A 292 11.18 7.62 46.31
N HIS A 293 12.26 8.27 45.85
CA HIS A 293 13.52 8.43 46.59
C HIS A 293 14.17 7.08 46.87
N HIS A 294 14.02 6.18 45.91
CA HIS A 294 14.66 4.87 45.88
C HIS A 294 16.16 4.95 45.78
N GLY A 295 16.65 6.05 45.21
CA GLY A 295 18.09 6.34 45.01
C GLY A 295 18.77 5.56 43.87
N PHE A 296 17.96 4.85 43.06
CA PHE A 296 18.46 4.10 41.90
C PHE A 296 19.04 5.01 40.80
N LYS A 297 20.18 4.61 40.26
CA LYS A 297 20.91 5.34 39.23
C LYS A 297 20.79 4.62 37.88
N ASP A 298 20.79 5.41 36.80
CA ASP A 298 20.78 4.90 35.41
C ASP A 298 21.80 3.77 35.19
N GLY A 299 21.36 2.71 34.52
CA GLY A 299 22.21 1.57 34.21
C GLY A 299 22.04 0.41 35.18
N GLU A 300 21.62 0.72 36.41
CA GLU A 300 21.47 -0.29 37.46
C GLU A 300 20.26 -1.19 37.22
N LYS A 301 20.44 -2.48 37.46
CA LYS A 301 19.41 -3.48 37.22
C LYS A 301 19.40 -4.60 38.27
N SER A 305 13.83 -12.24 42.80
CA SER A 305 13.52 -13.62 43.20
C SER A 305 12.38 -13.65 44.21
N VAL A 306 11.32 -14.35 43.85
CA VAL A 306 10.09 -14.35 44.63
C VAL A 306 9.83 -15.71 45.26
N LYS A 307 9.53 -15.69 46.55
CA LYS A 307 8.99 -16.84 47.24
C LYS A 307 7.47 -16.66 47.32
N ALA A 308 6.73 -17.75 47.18
CA ALA A 308 5.26 -17.72 47.27
C ALA A 308 4.72 -18.55 48.45
N VAL A 318 10.56 -21.10 45.71
CA VAL A 318 11.37 -19.96 45.28
C VAL A 318 11.47 -19.88 43.74
N PHE A 319 10.97 -18.77 43.18
CA PHE A 319 11.11 -18.51 41.75
C PHE A 319 12.18 -17.44 41.53
N GLU A 320 13.40 -17.89 41.24
CA GLU A 320 14.56 -17.00 41.08
C GLU A 320 14.51 -16.19 39.80
N ASN A 321 14.94 -14.93 39.89
CA ASN A 321 15.07 -14.02 38.73
C ASN A 321 13.83 -13.96 37.86
N VAL A 322 12.67 -13.89 38.52
CA VAL A 322 11.38 -13.89 37.84
C VAL A 322 10.98 -12.48 37.36
N PHE A 323 11.70 -11.46 37.83
CA PHE A 323 11.51 -10.09 37.37
C PHE A 323 12.81 -9.27 37.39
N THR A 324 12.93 -8.38 36.41
CA THR A 324 14.09 -7.52 36.20
C THR A 324 13.69 -6.05 36.13
N LEU A 325 14.16 -5.27 37.10
CA LEU A 325 13.90 -3.84 37.12
C LEU A 325 15.13 -3.11 36.58
N ASN A 326 14.92 -2.33 35.52
CA ASN A 326 15.98 -1.55 34.90
C ASN A 326 15.88 -0.07 35.26
N THR A 327 16.94 0.48 35.85
CA THR A 327 16.96 1.93 36.06
C THR A 327 17.45 2.65 34.80
N VAL A 328 16.69 3.64 34.35
CA VAL A 328 16.97 4.35 33.10
C VAL A 328 16.87 5.87 33.25
N GLU A 329 17.28 6.56 32.20
CA GLU A 329 17.25 8.01 32.10
C GLU A 329 15.83 8.50 31.84
N PHE A 330 15.47 9.62 32.45
CA PHE A 330 14.19 10.27 32.26
C PHE A 330 13.90 10.51 30.77
N ILE A 331 12.71 10.07 30.34
CA ILE A 331 12.19 10.34 29.01
C ILE A 331 11.24 11.53 29.12
N GLU A 332 11.54 12.60 28.40
CA GLU A 332 10.69 13.80 28.45
C GLU A 332 9.36 13.49 27.74
N PRO A 333 8.22 13.73 28.43
CA PRO A 333 6.90 13.58 27.79
C PRO A 333 6.72 14.59 26.66
N ILE A 334 5.85 14.25 25.70
CA ILE A 334 5.53 15.14 24.59
C ILE A 334 4.77 16.37 25.07
N ALA A 335 5.21 17.54 24.63
CA ALA A 335 4.57 18.80 25.00
C ALA A 335 4.80 19.82 23.89
N ASN A 336 3.92 20.82 23.80
CA ASN A 336 4.01 21.86 22.77
C ASN A 336 4.08 21.27 21.35
N PHE A 337 3.36 20.16 21.14
CA PHE A 337 3.37 19.50 19.84
C PHE A 337 2.26 20.10 18.98
N GLY A 338 2.65 20.76 17.88
CA GLY A 338 1.70 21.39 16.97
C GLY A 338 2.28 21.90 15.68
N TYR A 339 1.40 22.22 14.74
CA TYR A 339 1.79 22.79 13.44
C TYR A 339 0.91 23.99 13.19
N ALA A 340 1.45 24.99 12.49
CA ALA A 340 0.63 26.12 12.04
C ALA A 340 -0.25 25.68 10.88
N ASP A 341 -1.41 26.33 10.72
CA ASP A 341 -2.20 26.14 9.50
C ASP A 341 -1.40 26.64 8.29
N VAL A 342 -1.63 26.05 7.12
CA VAL A 342 -0.82 26.28 5.91
C VAL A 342 -1.70 26.64 4.72
N ASN A 343 -1.30 27.69 4.02
CA ASN A 343 -2.01 28.23 2.88
C ASN A 343 -1.01 28.42 1.75
N ASP A 344 -1.22 27.73 0.63
CA ASP A 344 -0.36 27.89 -0.51
C ASP A 344 -1.07 27.51 -1.81
N VAL A 345 -0.37 27.62 -2.93
CA VAL A 345 -0.98 27.38 -4.23
C VAL A 345 -0.55 26.00 -4.76
N GLN A 346 -1.16 25.55 -5.86
CA GLN A 346 -0.92 24.21 -6.38
C GLN A 346 0.53 23.98 -6.80
N ALA A 347 0.99 22.74 -6.64
CA ALA A 347 2.24 22.24 -7.24
C ALA A 347 3.56 22.84 -6.72
N VAL A 348 3.52 23.53 -5.60
CA VAL A 348 4.74 24.13 -5.09
C VAL A 348 5.31 23.34 -3.90
N GLU A 349 6.60 23.50 -3.65
CA GLU A 349 7.23 22.87 -2.49
C GLU A 349 6.74 23.55 -1.20
N ILE A 350 6.41 22.74 -0.19
CA ILE A 350 6.02 23.28 1.10
C ILE A 350 6.72 22.48 2.21
N ASP A 351 7.39 23.17 3.13
CA ASP A 351 7.90 22.55 4.34
C ASP A 351 6.93 22.88 5.47
N ILE A 352 6.38 21.84 6.11
CA ILE A 352 5.45 22.03 7.21
C ILE A 352 6.16 21.56 8.49
N ASN A 353 6.75 22.50 9.21
CA ASN A 353 7.55 22.14 10.38
C ASN A 353 6.76 22.25 11.66
N LYS A 354 6.98 21.32 12.58
CA LYS A 354 6.34 21.41 13.88
C LYS A 354 6.92 22.60 14.63
N ASN A 355 6.13 23.13 15.56
CA ASN A 355 6.55 24.28 16.36
C ASN A 355 7.87 24.00 17.10
N GLU A 356 8.75 25.00 17.11
CA GLU A 356 10.11 24.89 17.64
C GLU A 356 10.18 24.64 19.16
N ASN A 357 9.08 24.89 19.88
CA ASN A 357 9.04 24.64 21.33
C ASN A 357 8.76 23.19 21.73
N PHE A 358 8.64 22.29 20.74
CA PHE A 358 8.41 20.86 20.98
C PHE A 358 9.33 20.32 22.08
N LYS A 359 8.73 19.55 23.00
CA LYS A 359 9.48 18.77 23.97
C LYS A 359 9.03 17.32 23.81
N GLY A 360 9.93 16.38 24.13
CA GLY A 360 9.64 14.95 24.03
C GLY A 360 10.79 14.12 23.51
N ASP A 361 11.21 13.12 24.29
CA ASP A 361 12.33 12.22 23.89
C ASP A 361 11.87 10.95 23.18
N GLU A 362 12.71 10.46 22.27
CA GLU A 362 12.53 9.15 21.60
C GLU A 362 11.12 8.98 21.01
N VAL A 363 10.73 9.94 20.18
CA VAL A 363 9.36 10.04 19.69
C VAL A 363 9.21 9.39 18.32
N LYS A 364 8.09 8.70 18.09
CA LYS A 364 7.71 8.27 16.74
C LYS A 364 6.43 8.97 16.27
N TYR A 365 6.31 9.17 14.96
CA TYR A 365 5.17 9.91 14.38
C TYR A 365 4.44 9.10 13.33
N GLU A 366 3.11 9.26 13.26
CA GLU A 366 2.34 8.73 12.14
C GLU A 366 1.13 9.62 11.83
N PHE A 367 0.67 9.64 10.58
CA PHE A 367 -0.60 10.29 10.22
C PHE A 367 -1.79 9.53 10.80
N VAL A 368 -2.82 10.27 11.18
CA VAL A 368 -4.09 9.69 11.64
C VAL A 368 -5.14 10.06 10.60
N ASN A 369 -5.74 9.05 9.96
CA ASN A 369 -6.81 9.28 8.99
C ASN A 369 -6.49 10.37 7.94
N LEU A 370 -5.31 10.26 7.32
CA LEU A 370 -4.93 11.20 6.27
C LEU A 370 -5.96 11.17 5.13
N PRO A 371 -6.43 12.36 4.70
CA PRO A 371 -7.39 12.41 3.59
C PRO A 371 -6.86 11.74 2.32
N THR A 372 -7.75 11.12 1.57
CA THR A 372 -7.39 10.32 0.39
C THR A 372 -6.52 11.08 -0.59
N ASP A 373 -6.87 12.34 -0.86
CA ASP A 373 -6.13 13.08 -1.88
C ASP A 373 -4.74 13.56 -1.44
N LEU A 374 -4.38 13.32 -0.18
CA LEU A 374 -3.07 13.73 0.33
C LEU A 374 -2.10 12.55 0.46
N GLN A 375 -2.65 11.34 0.37
CA GLN A 375 -1.87 10.11 0.50
C GLN A 375 -0.82 10.01 -0.60
N GLY A 376 0.43 9.83 -0.22
CA GLY A 376 1.54 9.88 -1.18
C GLY A 376 2.06 11.28 -1.49
N GLU A 377 1.33 12.31 -1.03
CA GLU A 377 1.72 13.70 -1.32
C GLU A 377 2.41 14.40 -0.16
N LEU A 378 2.20 13.90 1.07
CA LEU A 378 2.83 14.45 2.26
C LEU A 378 3.77 13.41 2.84
N ALA A 379 4.99 13.81 3.13
CA ALA A 379 5.97 12.89 3.75
C ALA A 379 6.34 13.35 5.15
N LEU A 380 6.20 12.46 6.12
CA LEU A 380 6.56 12.71 7.50
C LEU A 380 7.98 12.20 7.78
N ASP A 381 8.87 13.08 8.25
CA ASP A 381 10.23 12.61 8.55
C ASP A 381 10.35 12.15 10.00
N LEU A 382 11.54 11.68 10.37
CA LEU A 382 11.74 11.07 11.68
C LEU A 382 11.68 12.09 12.82
N ASP A 383 11.72 13.37 12.47
CA ASP A 383 11.55 14.45 13.46
C ASP A 383 10.10 14.94 13.52
N GLY A 384 9.24 14.40 12.67
CA GLY A 384 7.83 14.79 12.70
C GLY A 384 7.52 15.99 11.82
N ASN A 385 8.50 16.48 11.06
CA ASN A 385 8.26 17.54 10.09
C ASN A 385 7.74 16.95 8.78
N ILE A 386 6.94 17.73 8.03
CA ILE A 386 6.27 17.22 6.84
C ILE A 386 6.82 17.94 5.62
N ALA A 387 7.11 17.18 4.57
CA ALA A 387 7.52 17.76 3.27
C ALA A 387 6.47 17.53 2.21
N ILE A 388 6.17 18.58 1.45
CA ILE A 388 5.39 18.49 0.21
C ILE A 388 6.32 18.96 -0.91
N LYS A 389 6.44 18.17 -1.98
CA LYS A 389 7.42 18.42 -3.05
C LYS A 389 6.88 19.37 -4.13
N LYS A 390 7.78 20.11 -4.77
CA LYS A 390 7.43 20.81 -6.03
C LYS A 390 6.84 19.77 -7.00
N GLY A 391 5.79 20.15 -7.74
CA GLY A 391 5.14 19.25 -8.71
C GLY A 391 4.15 18.25 -8.13
N ASN A 392 3.90 18.38 -6.82
CA ASN A 392 2.90 17.56 -6.14
C ASN A 392 1.51 17.70 -6.80
N LYS A 393 0.65 16.68 -6.64
CA LYS A 393 -0.64 16.66 -7.33
C LYS A 393 -1.83 16.94 -6.42
N ILE A 394 -1.59 17.56 -5.27
CA ILE A 394 -2.71 17.87 -4.37
C ILE A 394 -3.73 18.79 -5.06
N PRO A 395 -5.00 18.35 -5.16
CA PRO A 395 -6.03 19.19 -5.77
C PRO A 395 -6.27 20.44 -4.94
N VAL A 396 -6.72 21.50 -5.60
CA VAL A 396 -7.19 22.67 -4.87
C VAL A 396 -8.28 22.23 -3.86
N GLY A 397 -8.21 22.77 -2.67
CA GLY A 397 -9.19 22.42 -1.65
C GLY A 397 -8.63 22.66 -0.26
N GLN A 398 -9.43 22.35 0.74
CA GLN A 398 -9.02 22.54 2.11
C GLN A 398 -9.03 21.18 2.82
N TYR A 399 -7.99 20.92 3.61
CA TYR A 399 -7.78 19.60 4.17
C TYR A 399 -7.46 19.70 5.64
N THR A 400 -7.98 18.76 6.41
CA THR A 400 -7.60 18.61 7.82
C THR A 400 -6.55 17.51 7.94
N VAL A 401 -5.40 17.81 8.55
CA VAL A 401 -4.32 16.82 8.68
C VAL A 401 -4.06 16.54 10.16
N GLN A 402 -3.93 15.27 10.53
CA GLN A 402 -3.60 14.93 11.92
C GLN A 402 -2.37 14.07 12.01
N VAL A 403 -1.54 14.38 13.01
CA VAL A 403 -0.30 13.63 13.23
C VAL A 403 -0.28 13.17 14.67
N MET A 404 0.00 11.88 14.88
CA MET A 404 0.16 11.37 16.22
C MET A 404 1.64 11.18 16.56
N ALA A 405 2.05 11.74 17.69
CA ALA A 405 3.39 11.53 18.27
C ALA A 405 3.28 10.60 19.46
N THR A 406 4.22 9.67 19.58
CA THR A 406 4.20 8.67 20.66
C THR A 406 5.59 8.39 21.18
N ASN A 407 5.72 8.37 22.50
CA ASN A 407 6.87 7.78 23.15
C ASN A 407 6.39 6.93 24.33
N THR A 408 7.31 6.46 25.17
CA THR A 408 6.95 5.57 26.28
C THR A 408 6.09 6.24 27.35
N LYS A 409 6.05 7.58 27.34
CA LYS A 409 5.26 8.33 28.31
C LYS A 409 3.81 8.57 27.83
N GLY A 410 3.54 8.28 26.57
CA GLY A 410 2.19 8.40 26.01
C GLY A 410 2.13 8.94 24.59
N SER A 411 0.91 9.29 24.16
CA SER A 411 0.65 9.80 22.81
C SER A 411 -0.02 11.16 22.84
N GLU A 412 0.21 11.93 21.78
CA GLU A 412 -0.43 13.23 21.61
C GLU A 412 -0.65 13.46 20.11
N THR A 413 -1.87 13.87 19.75
CA THR A 413 -2.20 14.13 18.35
CA THR A 413 -2.22 14.14 18.35
C THR A 413 -2.36 15.64 18.15
N ALA A 414 -1.82 16.13 17.04
CA ALA A 414 -1.91 17.53 16.64
C ALA A 414 -2.67 17.61 15.33
N THR A 415 -3.37 18.72 15.13
CA THR A 415 -4.17 18.92 13.90
C THR A 415 -3.80 20.25 13.27
N PHE A 416 -3.71 20.29 11.94
CA PHE A 416 -3.66 21.57 11.23
C PHE A 416 -4.52 21.52 9.99
N THR A 417 -4.80 22.71 9.47
CA THR A 417 -5.53 22.86 8.22
C THR A 417 -4.57 23.24 7.09
N LEU A 418 -4.66 22.49 5.98
CA LEU A 418 -3.88 22.76 4.76
C LEU A 418 -4.83 23.23 3.66
N THR A 419 -4.61 24.41 3.12
CA THR A 419 -5.50 24.96 2.09
C THR A 419 -4.69 25.21 0.84
N ILE A 420 -5.09 24.58 -0.27
CA ILE A 420 -4.41 24.74 -1.55
C ILE A 420 -5.32 25.53 -2.49
N THR A 421 -4.81 26.63 -3.04
CA THR A 421 -5.58 27.42 -4.00
C THR A 421 -4.87 27.43 -5.35
N ALA A 422 -5.51 28.04 -6.36
CA ALA A 422 -5.02 27.97 -7.74
C ALA A 422 -3.65 28.63 -7.89
N ASN A 423 -2.73 27.96 -8.58
CA ASN A 423 -1.45 28.58 -9.00
C ASN A 423 -1.69 29.19 -10.37
N PRO A 424 -1.42 30.51 -10.54
CA PRO A 424 -1.60 31.19 -11.83
C PRO A 424 -0.71 30.64 -12.94
N ASN A 425 0.26 29.79 -12.58
CA ASN A 425 1.18 29.16 -13.55
C ASN A 425 0.80 27.71 -13.83
N TYR A 426 -0.21 27.21 -13.13
CA TYR A 426 -0.59 25.80 -13.27
C TYR A 426 -1.03 25.43 -14.69
N PHE A 427 -0.44 24.36 -15.22
CA PHE A 427 -0.85 23.77 -16.51
C PHE A 427 -0.39 22.32 -16.59
N THR A 428 -0.85 21.57 -17.58
CA THR A 428 -0.61 20.13 -17.58
C THR A 428 -0.01 19.54 -18.84
N TYR A 429 -0.04 20.26 -19.97
CA TYR A 429 0.54 19.68 -21.19
C TYR A 429 0.99 20.74 -22.19
N PHE A 430 1.82 20.30 -23.13
CA PHE A 430 2.06 20.98 -24.38
C PHE A 430 2.07 19.90 -25.45
N ARG A 431 2.00 20.32 -26.72
CA ARG A 431 2.11 19.40 -27.84
C ARG A 431 2.90 20.01 -28.98
N TYR A 432 3.75 19.16 -29.58
CA TYR A 432 4.41 19.47 -30.84
C TYR A 432 3.68 18.82 -32.01
N GLY A 433 2.98 17.71 -31.75
CA GLY A 433 2.26 17.05 -32.83
C GLY A 433 3.23 16.16 -33.59
N ASN A 434 3.02 16.06 -34.91
CA ASN A 434 3.79 15.13 -35.71
C ASN A 434 3.81 15.55 -37.16
N ASN A 435 4.81 15.07 -37.91
CA ASN A 435 4.80 15.37 -39.34
C ASN A 435 4.46 14.12 -40.20
N LEU A 436 3.69 13.20 -39.60
CA LEU A 436 3.35 11.93 -40.24
C LEU A 436 1.93 11.92 -40.84
N GLY A 437 1.23 13.04 -40.74
CA GLY A 437 -0.15 13.13 -41.22
C GLY A 437 -1.21 12.54 -40.28
N LEU A 438 -0.81 12.25 -39.05
CA LEU A 438 -1.69 11.55 -38.10
C LEU A 438 -2.43 12.52 -37.19
N THR A 439 -3.76 12.36 -37.13
CA THR A 439 -4.61 13.19 -36.25
C THR A 439 -5.72 12.30 -35.61
N PRO A 440 -6.34 12.75 -34.50
CA PRO A 440 -5.99 13.94 -33.70
C PRO A 440 -4.59 13.74 -33.13
N ILE A 441 -3.82 14.82 -33.06
CA ILE A 441 -2.42 14.71 -32.66
C ILE A 441 -2.26 14.19 -31.23
N GLU A 442 -3.25 14.45 -30.37
CA GLU A 442 -3.17 13.94 -28.97
C GLU A 442 -3.32 12.41 -28.85
N ASN A 443 -3.76 11.74 -29.90
CA ASN A 443 -3.82 10.28 -29.90
C ASN A 443 -2.50 9.60 -30.29
N TYR A 444 -1.48 10.41 -30.54
CA TYR A 444 -0.15 9.90 -30.95
C TYR A 444 0.95 10.64 -30.18
N ALA A 445 2.12 10.00 -30.04
CA ALA A 445 3.28 10.66 -29.45
C ALA A 445 3.68 11.86 -30.33
N ASP A 446 4.42 12.80 -29.75
CA ASP A 446 5.05 13.87 -30.52
C ASP A 446 6.23 13.25 -31.21
N GLN A 447 6.23 13.29 -32.55
CA GLN A 447 7.16 12.45 -33.32
C GLN A 447 7.34 12.97 -34.73
N PHE A 448 8.60 12.97 -35.18
CA PHE A 448 8.98 13.61 -36.42
C PHE A 448 9.89 12.72 -37.23
N ARG A 449 9.53 12.52 -38.50
CA ARG A 449 10.35 11.74 -39.39
C ARG A 449 11.20 12.67 -40.29
N ILE A 450 12.49 12.39 -40.36
CA ILE A 450 13.34 12.98 -41.40
C ILE A 450 13.33 12.00 -42.57
N GLU A 451 12.91 12.50 -43.73
CA GLU A 451 12.68 11.65 -44.88
C GLU A 451 13.97 10.96 -45.34
N ALA A 452 13.82 9.81 -45.99
CA ALA A 452 14.96 9.10 -46.57
C ALA A 452 15.73 10.01 -47.52
N GLY A 453 17.04 10.09 -47.32
CA GLY A 453 17.91 10.93 -48.15
C GLY A 453 17.89 12.39 -47.72
N GLY A 454 17.18 12.67 -46.63
CA GLY A 454 17.01 14.04 -46.14
C GLY A 454 18.10 14.51 -45.18
N LYS A 455 17.91 15.70 -44.63
CA LYS A 455 18.87 16.29 -43.70
C LYS A 455 18.19 16.58 -42.37
N LEU A 456 18.88 16.27 -41.26
CA LEU A 456 18.37 16.57 -39.92
C LEU A 456 18.02 18.04 -39.77
N ASN A 457 18.80 18.90 -40.44
CA ASN A 457 18.56 20.34 -40.26
C ASN A 457 17.28 20.86 -40.92
N SER A 458 16.60 20.02 -41.69
CA SER A 458 15.31 20.37 -42.30
C SER A 458 14.10 20.14 -41.38
N VAL A 459 14.31 19.50 -40.24
CA VAL A 459 13.22 19.12 -39.31
C VAL A 459 13.52 19.71 -37.93
N LYS A 460 12.93 20.86 -37.65
CA LYS A 460 13.17 21.59 -36.39
C LYS A 460 11.82 21.94 -35.79
N PRO A 461 11.17 20.97 -35.11
CA PRO A 461 9.78 21.22 -34.70
C PRO A 461 9.60 22.30 -33.63
N VAL A 462 8.46 22.97 -33.74
CA VAL A 462 8.10 24.01 -32.78
CA VAL A 462 8.06 24.06 -32.83
C VAL A 462 6.77 23.60 -32.13
N PRO A 463 6.61 23.90 -30.82
CA PRO A 463 5.35 23.45 -30.22
C PRO A 463 4.16 24.20 -30.77
N THR A 464 2.97 23.58 -30.70
CA THR A 464 1.74 24.07 -31.35
CA THR A 464 1.77 24.16 -31.32
C THR A 464 0.57 24.34 -30.37
N ALA A 465 0.59 23.68 -29.22
CA ALA A 465 -0.56 23.78 -28.30
C ALA A 465 -0.17 23.54 -26.84
N THR A 466 -1.01 24.03 -25.92
CA THR A 466 -0.77 23.88 -24.49
C THR A 466 -2.04 24.33 -23.77
N ASP A 467 -2.19 23.92 -22.51
CA ASP A 467 -3.23 24.52 -21.65
C ASP A 467 -2.63 25.59 -20.70
N ALA A 468 -1.41 26.06 -20.99
CA ALA A 468 -0.77 27.11 -20.16
C ALA A 468 -1.70 28.31 -20.05
N LYS A 469 -1.93 28.78 -18.83
CA LYS A 469 -2.93 29.83 -18.61
C LYS A 469 -2.63 31.13 -19.36
N ASP A 470 -1.35 31.47 -19.51
CA ASP A 470 -0.96 32.70 -20.24
C ASP A 470 -0.58 32.44 -21.70
N GLY A 471 -0.91 31.25 -22.19
CA GLY A 471 -0.77 30.93 -23.61
C GLY A 471 0.59 30.33 -23.95
N LEU A 472 0.66 29.81 -25.17
CA LEU A 472 1.86 29.13 -25.65
C LEU A 472 3.11 30.00 -25.52
N SER A 473 3.02 31.26 -25.96
CA SER A 473 4.19 32.14 -25.95
C SER A 473 4.79 32.43 -24.55
N SER A 474 3.97 32.32 -23.51
CA SER A 474 4.42 32.53 -22.13
C SER A 474 5.38 31.44 -21.62
N LEU A 475 5.46 30.29 -22.29
CA LEU A 475 6.32 29.21 -21.84
C LEU A 475 7.81 29.44 -22.16
N LYS A 476 8.69 28.96 -21.28
CA LYS A 476 10.13 28.85 -21.56
C LYS A 476 10.48 27.36 -21.65
N TRP A 477 11.57 27.05 -22.34
CA TRP A 477 11.82 25.67 -22.80
C TRP A 477 13.22 25.19 -22.53
N GLU A 478 13.32 23.91 -22.16
CA GLU A 478 14.61 23.23 -21.98
C GLU A 478 14.51 21.86 -22.66
N VAL A 479 15.66 21.29 -23.01
CA VAL A 479 15.66 19.97 -23.65
C VAL A 479 16.82 19.14 -23.08
N GLU A 480 16.62 17.82 -23.06
CA GLU A 480 17.65 16.89 -22.65
C GLU A 480 17.64 15.72 -23.63
N LEU A 481 18.77 15.48 -24.29
CA LEU A 481 18.92 14.38 -25.22
C LEU A 481 18.92 13.08 -24.43
N LYS A 482 18.08 12.13 -24.83
CA LYS A 482 18.09 10.82 -24.17
C LYS A 482 18.75 9.75 -25.06
N HIS A 483 18.33 9.69 -26.32
CA HIS A 483 18.85 8.71 -27.26
C HIS A 483 19.18 9.35 -28.60
N ASN A 484 20.31 9.02 -29.23
CA ASN A 484 21.36 8.08 -28.77
C ASN A 484 22.50 8.87 -28.13
N PRO A 485 22.73 8.66 -26.81
CA PRO A 485 23.69 9.50 -26.12
C PRO A 485 25.12 9.31 -26.65
N ASN A 486 25.37 8.27 -27.44
CA ASN A 486 26.73 8.05 -27.99
C ASN A 486 27.06 8.88 -29.23
N ASN A 487 26.06 9.53 -29.84
CA ASN A 487 26.29 10.26 -31.09
C ASN A 487 25.32 11.41 -31.40
N THR A 488 24.23 11.48 -30.65
CA THR A 488 23.15 12.42 -30.94
C THR A 488 23.23 13.57 -29.96
N LYS A 489 22.95 14.78 -30.45
CA LYS A 489 22.89 15.97 -29.61
C LYS A 489 21.56 16.68 -29.86
N ALA A 490 21.08 17.39 -28.85
CA ALA A 490 19.84 18.18 -28.98
C ALA A 490 20.03 19.56 -28.36
N THR A 491 19.55 20.59 -29.08
CA THR A 491 19.39 21.91 -28.49
C THR A 491 17.97 22.44 -28.67
N ILE A 492 17.62 23.46 -27.90
CA ILE A 492 16.29 24.07 -28.00
C ILE A 492 16.40 25.59 -27.91
N ASN A 493 15.56 26.28 -28.67
CA ASN A 493 15.39 27.71 -28.47
C ASN A 493 14.59 27.92 -27.17
N GLU A 494 15.21 28.60 -26.20
CA GLU A 494 14.63 28.80 -24.89
C GLU A 494 13.27 29.51 -24.91
N SER A 495 13.08 30.45 -25.84
CA SER A 495 11.81 31.16 -25.88
CA SER A 495 11.84 31.23 -25.96
C SER A 495 10.76 30.56 -26.82
N THR A 496 11.17 29.94 -27.93
CA THR A 496 10.16 29.39 -28.87
C THR A 496 9.86 27.90 -28.70
N GLY A 497 10.77 27.18 -28.04
CA GLY A 497 10.71 25.71 -28.03
C GLY A 497 11.12 24.96 -29.30
N GLN A 498 11.66 25.67 -30.31
CA GLN A 498 12.14 25.00 -31.51
C GLN A 498 13.31 24.05 -31.19
N ILE A 499 13.16 22.79 -31.53
CA ILE A 499 14.18 21.75 -31.27
C ILE A 499 15.10 21.57 -32.48
N THR A 500 16.40 21.49 -32.24
CA THR A 500 17.35 21.10 -33.29
C THR A 500 18.07 19.83 -32.86
N ILE A 501 18.09 18.83 -33.74
CA ILE A 501 18.82 17.57 -33.49
C ILE A 501 20.02 17.51 -34.42
N THR A 502 21.18 17.09 -33.92
CA THR A 502 22.33 16.79 -34.78
C THR A 502 22.89 15.41 -34.42
N GLY A 503 23.66 14.82 -35.32
CA GLY A 503 24.32 13.54 -35.00
C GLY A 503 23.51 12.25 -35.11
N LEU A 504 22.19 12.33 -35.05
CA LEU A 504 21.34 11.14 -35.24
C LEU A 504 21.64 10.47 -36.59
N LYS A 505 21.88 9.15 -36.58
CA LYS A 505 22.33 8.44 -37.78
C LYS A 505 21.14 7.97 -38.60
N GLN A 506 21.31 7.99 -39.92
CA GLN A 506 20.32 7.42 -40.82
C GLN A 506 19.94 6.02 -40.38
N GLY A 507 18.65 5.71 -40.47
CA GLY A 507 18.17 4.37 -40.12
C GLY A 507 17.81 4.20 -38.65
N GLN A 508 17.94 5.25 -37.85
CA GLN A 508 17.73 5.17 -36.40
C GLN A 508 16.74 6.21 -35.88
N CYS A 509 16.21 5.93 -34.69
CA CYS A 509 15.35 6.85 -33.98
C CYS A 509 16.13 7.51 -32.87
N GLY A 510 15.69 8.73 -32.49
CA GLY A 510 16.21 9.44 -31.33
C GLY A 510 15.06 9.87 -30.43
N MET A 511 15.41 10.36 -29.23
CA MET A 511 14.41 10.78 -28.26
CA MET A 511 14.42 10.73 -28.23
C MET A 511 15.01 11.85 -27.37
N VAL A 512 14.22 12.89 -27.09
CA VAL A 512 14.63 13.94 -26.17
C VAL A 512 13.53 14.10 -25.13
N MET A 513 13.86 14.69 -23.98
CA MET A 513 12.84 15.09 -23.03
C MET A 513 12.80 16.62 -23.04
N VAL A 514 11.60 17.17 -23.29
CA VAL A 514 11.39 18.62 -23.34
C VAL A 514 10.66 19.05 -22.07
N THR A 515 11.14 20.13 -21.46
CA THR A 515 10.52 20.69 -20.27
C THR A 515 10.07 22.10 -20.58
N ALA A 516 8.77 22.34 -20.41
CA ALA A 516 8.20 23.67 -20.54
C ALA A 516 7.92 24.19 -19.14
N THR A 517 8.23 25.46 -18.91
CA THR A 517 8.03 26.09 -17.61
C THR A 517 7.21 27.35 -17.76
N ALA A 518 6.19 27.48 -16.92
CA ALA A 518 5.38 28.69 -16.82
C ALA A 518 5.74 29.44 -15.52
N GLY A 519 6.03 30.73 -15.66
CA GLY A 519 6.27 31.60 -14.52
C GLY A 519 7.71 31.52 -14.06
N GLU A 520 7.99 32.11 -12.90
CA GLU A 520 9.35 32.16 -12.37
C GLU A 520 9.33 32.03 -10.84
N GLY A 521 10.47 31.66 -10.27
CA GLY A 521 10.59 31.56 -8.80
C GLY A 521 9.87 30.37 -8.20
N LYS A 522 9.44 30.53 -6.94
CA LYS A 522 8.87 29.44 -6.16
C LYS A 522 7.56 28.90 -6.72
N THR A 523 6.78 29.74 -7.41
CA THR A 523 5.48 29.31 -7.94
C THR A 523 5.53 28.83 -9.41
N ALA A 524 6.72 28.76 -9.99
CA ALA A 524 6.87 28.24 -11.36
C ALA A 524 6.40 26.79 -11.45
N VAL A 525 5.82 26.44 -12.59
CA VAL A 525 5.32 25.09 -12.85
C VAL A 525 5.98 24.59 -14.13
N SER A 526 6.46 23.35 -14.10
CA SER A 526 7.11 22.72 -15.24
C SER A 526 6.40 21.43 -15.63
N VAL A 527 6.38 21.14 -16.94
CA VAL A 527 5.76 19.93 -17.50
C VAL A 527 6.84 19.32 -18.40
N LYS A 528 7.07 18.02 -18.25
CA LYS A 528 8.14 17.34 -18.99
C LYS A 528 7.54 16.22 -19.84
N GLN A 529 7.87 16.20 -21.13
CA GLN A 529 7.35 15.21 -22.08
C GLN A 529 8.42 14.76 -23.09
N PRO A 530 8.32 13.52 -23.60
CA PRO A 530 9.26 13.07 -24.64
C PRO A 530 8.87 13.59 -26.03
N VAL A 531 9.86 13.78 -26.90
CA VAL A 531 9.63 14.03 -28.32
C VAL A 531 10.57 13.08 -29.07
N PHE A 532 10.04 12.41 -30.11
CA PHE A 532 10.80 11.35 -30.77
C PHE A 532 11.11 11.71 -32.22
N PHE A 533 12.18 11.12 -32.76
CA PHE A 533 12.59 11.40 -34.13
C PHE A 533 12.96 10.11 -34.86
N HIS A 534 12.66 10.03 -36.14
CA HIS A 534 13.10 8.87 -36.93
C HIS A 534 13.80 9.36 -38.15
N PHE A 535 15.08 8.97 -38.31
CA PHE A 535 15.84 9.36 -39.50
C PHE A 535 15.71 8.20 -40.48
N SER A 536 14.78 8.33 -41.43
CA SER A 536 14.50 7.21 -42.34
C SER A 536 15.63 7.10 -43.36
N MET A 537 15.74 5.94 -44.01
CA MET A 537 16.73 5.74 -45.06
C MET A 537 16.30 4.60 -45.94
N ILE A 538 16.88 4.56 -47.14
CA ILE A 538 16.83 3.37 -47.95
C ILE A 538 18.07 2.57 -47.61
N SER A 539 17.88 1.43 -46.96
CA SER A 539 19.00 0.60 -46.50
C SER A 539 19.29 -0.52 -47.52
N ASP A 540 20.01 -1.57 -47.15
CA ASP A 540 20.32 -2.64 -48.11
C ASP A 540 19.10 -3.21 -48.82
N SER A 541 19.31 -3.61 -50.08
CA SER A 541 18.30 -4.26 -50.92
C SER A 541 17.04 -3.41 -51.13
N ASN A 542 17.23 -2.09 -51.18
CA ASN A 542 16.14 -1.12 -51.43
C ASN A 542 15.03 -1.05 -50.38
N VAL A 543 15.31 -1.58 -49.19
CA VAL A 543 14.33 -1.55 -48.09
C VAL A 543 14.22 -0.13 -47.52
N GLN A 544 12.99 0.35 -47.35
CA GLN A 544 12.74 1.64 -46.71
C GLN A 544 11.72 1.38 -45.61
N LEU A 545 12.23 0.92 -44.46
CA LEU A 545 11.36 0.44 -43.38
C LEU A 545 10.80 1.59 -42.57
N GLU A 546 9.49 1.76 -42.65
CA GLU A 546 8.81 2.87 -41.98
C GLU A 546 7.53 2.43 -41.25
N TYR A 547 7.56 2.54 -39.92
CA TYR A 547 6.34 2.42 -39.07
C TYR A 547 5.73 3.82 -38.94
N THR A 548 4.41 3.93 -39.12
CA THR A 548 3.71 5.21 -39.02
C THR A 548 2.43 4.99 -38.20
N PRO A 549 2.45 5.32 -36.90
CA PRO A 549 3.50 6.01 -36.14
C PRO A 549 4.70 5.12 -35.84
N PHE A 550 5.86 5.73 -35.66
CA PHE A 550 7.05 4.97 -35.26
C PHE A 550 7.26 4.94 -33.75
N VAL A 551 6.37 5.61 -33.01
CA VAL A 551 6.30 5.43 -31.56
C VAL A 551 5.08 4.58 -31.21
N PHE A 552 5.33 3.35 -30.77
CA PHE A 552 4.24 2.44 -30.39
C PHE A 552 3.93 2.66 -28.91
N GLN A 553 2.78 3.30 -28.66
CA GLN A 553 2.33 3.61 -27.31
C GLN A 553 1.55 2.40 -26.83
N VAL A 554 2.12 1.69 -25.86
CA VAL A 554 1.54 0.41 -25.42
C VAL A 554 1.32 0.41 -23.91
N ASN A 555 0.21 -0.20 -23.48
CA ASN A 555 -0.04 -0.48 -22.05
C ASN A 555 0.68 -1.78 -21.65
N PRO A 556 1.67 -1.71 -20.73
CA PRO A 556 2.46 -2.91 -20.40
C PRO A 556 1.65 -3.98 -19.64
N ALA A 557 0.49 -3.61 -19.08
CA ALA A 557 -0.36 -4.59 -18.42
C ALA A 557 -1.11 -5.41 -19.49
N ARG A 558 -1.68 -4.71 -20.48
CA ARG A 558 -2.53 -5.34 -21.48
C ARG A 558 -1.73 -5.90 -22.65
N GLY A 559 -0.57 -5.30 -22.90
CA GLY A 559 0.23 -5.61 -24.08
C GLY A 559 -0.46 -5.07 -25.34
N GLY A 560 0.04 -5.47 -26.50
CA GLY A 560 -0.60 -5.08 -27.76
C GLY A 560 0.32 -5.21 -28.94
N GLU A 561 -0.11 -4.68 -30.08
CA GLU A 561 0.71 -4.75 -31.30
C GLU A 561 0.81 -3.40 -31.99
N SER A 562 1.94 -3.16 -32.64
CA SER A 562 2.18 -1.89 -33.33
C SER A 562 1.39 -1.84 -34.64
N ILE A 563 1.50 -0.72 -35.34
CA ILE A 563 1.05 -0.62 -36.72
C ILE A 563 1.94 -1.56 -37.59
N ALA A 564 1.41 -2.05 -38.71
CA ALA A 564 2.25 -2.75 -39.72
C ALA A 564 3.07 -1.70 -40.48
N PRO A 565 4.37 -1.94 -40.65
CA PRO A 565 5.20 -0.96 -41.35
C PRO A 565 5.08 -1.06 -42.87
N SER A 566 5.44 0.03 -43.55
CA SER A 566 5.70 -0.04 -44.98
CA SER A 566 5.70 0.00 -44.98
CA SER A 566 5.71 -0.01 -44.98
C SER A 566 7.15 -0.48 -45.18
N LEU A 567 7.36 -1.35 -46.16
CA LEU A 567 8.66 -1.97 -46.39
C LEU A 567 9.50 -1.24 -47.43
N GLY A 568 8.86 -0.43 -48.28
CA GLY A 568 9.54 0.23 -49.40
C GLY A 568 9.00 -0.28 -50.73
N ALA A 569 8.91 0.62 -51.71
CA ALA A 569 8.44 0.22 -53.05
C ALA A 569 9.28 -0.92 -53.60
N GLY A 570 8.61 -1.93 -54.12
CA GLY A 570 9.28 -3.06 -54.76
C GLY A 570 9.63 -4.21 -53.82
N ILE A 571 9.48 -4.00 -52.51
CA ILE A 571 9.87 -5.04 -51.54
C ILE A 571 8.84 -6.16 -51.47
N ASP A 572 9.31 -7.39 -51.61
CA ASP A 572 8.41 -8.54 -51.61
C ASP A 572 8.14 -8.97 -50.16
N LYS A 573 6.91 -8.71 -49.71
CA LYS A 573 6.48 -9.01 -48.36
C LYS A 573 6.64 -10.50 -48.02
N SER A 574 6.41 -11.34 -49.01
CA SER A 574 6.42 -12.81 -48.85
CA SER A 574 6.41 -12.79 -48.78
C SER A 574 7.78 -13.35 -48.40
N THR A 575 8.85 -12.73 -48.89
CA THR A 575 10.20 -13.23 -48.58
C THR A 575 10.95 -12.35 -47.56
N PHE A 576 10.26 -11.36 -47.03
CA PHE A 576 10.84 -10.45 -46.03
C PHE A 576 10.79 -11.11 -44.66
N ARG A 577 11.88 -11.00 -43.89
CA ARG A 577 11.91 -11.46 -42.51
C ARG A 577 12.53 -10.37 -41.67
N LEU A 578 12.03 -10.20 -40.44
CA LEU A 578 12.39 -9.06 -39.60
C LEU A 578 12.41 -9.48 -38.14
N ASP A 579 13.48 -9.15 -37.40
CA ASP A 579 13.62 -9.62 -36.01
C ASP A 579 14.53 -8.68 -35.22
N TYR A 580 14.17 -8.41 -33.97
CA TYR A 580 15.10 -7.75 -33.05
C TYR A 580 16.39 -8.55 -32.95
N ARG A 581 17.50 -7.85 -32.77
CA ARG A 581 18.81 -8.53 -32.80
C ARG A 581 19.77 -8.16 -31.66
N ARG A 582 19.89 -6.86 -31.37
CA ARG A 582 20.97 -6.37 -30.47
C ARG A 582 20.74 -4.91 -30.15
N ASP A 583 21.65 -4.35 -29.33
CA ASP A 583 21.71 -2.91 -29.05
C ASP A 583 20.37 -2.39 -28.52
N PHE A 584 19.99 -2.93 -27.37
CA PHE A 584 18.77 -2.54 -26.68
C PHE A 584 19.07 -1.47 -25.65
N PHE A 585 18.22 -0.45 -25.62
CA PHE A 585 18.34 0.69 -24.68
C PHE A 585 16.99 0.95 -24.03
N TYR A 586 16.99 1.34 -22.76
CA TYR A 586 15.73 1.68 -22.10
C TYR A 586 15.86 2.99 -21.35
N TYR A 587 14.84 3.83 -21.47
CA TYR A 587 14.84 5.12 -20.75
C TYR A 587 13.59 5.20 -19.89
N ASN A 588 13.79 5.21 -18.58
CA ASN A 588 12.70 5.40 -17.61
C ASN A 588 12.11 6.80 -17.85
N ILE A 589 10.80 6.91 -17.90
CA ILE A 589 10.16 8.22 -18.04
C ILE A 589 9.52 8.64 -16.69
N ALA A 590 8.58 7.85 -16.21
CA ALA A 590 7.98 8.16 -14.91
C ALA A 590 7.73 6.88 -14.14
N GLY A 591 8.57 5.88 -14.38
CA GLY A 591 8.49 4.64 -13.63
C GLY A 591 9.26 4.70 -12.32
N PRO A 592 9.26 3.57 -11.57
CA PRO A 592 9.98 3.48 -10.32
C PRO A 592 11.47 3.77 -10.48
N ASP A 593 12.09 4.27 -9.41
CA ASP A 593 13.53 4.52 -9.42
C ASP A 593 14.34 3.28 -9.81
N SER A 594 13.87 2.09 -9.43
CA SER A 594 14.58 0.84 -9.72
C SER A 594 14.60 0.47 -11.21
N HIS A 595 13.82 1.19 -12.04
CA HIS A 595 13.83 0.96 -13.49
C HIS A 595 14.98 1.73 -14.11
N ILE A 596 16.19 1.28 -13.83
CA ILE A 596 17.42 2.03 -14.21
C ILE A 596 17.57 2.10 -15.72
N SER A 597 17.75 3.33 -16.23
CA SER A 597 17.88 3.57 -17.68
C SER A 597 19.24 3.12 -18.20
N GLY A 598 19.30 2.82 -19.49
CA GLY A 598 20.60 2.55 -20.10
C GLY A 598 20.58 1.36 -21.02
N ALA A 599 21.72 1.12 -21.66
CA ALA A 599 21.89 0.02 -22.61
C ALA A 599 21.99 -1.33 -21.90
N LEU A 600 21.35 -2.35 -22.48
CA LEU A 600 21.59 -3.72 -22.03
C LEU A 600 23.04 -4.09 -22.35
N ALA A 601 23.78 -4.49 -21.33
CA ALA A 601 25.22 -4.76 -21.47
C ALA A 601 25.71 -5.73 -20.39
N GLN A 602 26.72 -6.51 -20.74
CA GLN A 602 27.40 -7.39 -19.79
C GLN A 602 27.86 -6.58 -18.58
N LYS A 603 27.66 -7.14 -17.38
CA LYS A 603 28.16 -6.57 -16.11
C LYS A 603 27.59 -5.18 -15.78
N VAL A 604 26.42 -4.88 -16.35
CA VAL A 604 25.71 -3.68 -15.98
C VAL A 604 24.33 -4.09 -15.49
N ASP A 605 23.97 -3.68 -14.29
CA ASP A 605 22.65 -3.98 -13.73
C ASP A 605 21.69 -2.83 -13.91
N ASN A 606 20.70 -3.04 -14.76
CA ASN A 606 19.71 -2.02 -15.02
C ASN A 606 18.35 -2.66 -15.35
N PHE A 607 17.38 -1.85 -15.76
CA PHE A 607 16.05 -2.40 -16.06
C PHE A 607 16.11 -3.49 -17.15
N LEU A 608 16.87 -3.26 -18.22
CA LEU A 608 16.97 -4.28 -19.27
C LEU A 608 17.62 -5.58 -18.79
N SER A 609 18.69 -5.50 -17.99
CA SER A 609 19.25 -6.75 -17.47
C SER A 609 18.20 -7.47 -16.61
N GLU A 610 17.44 -6.73 -15.81
CA GLU A 610 16.38 -7.36 -14.99
C GLU A 610 15.30 -8.02 -15.86
N MET A 611 14.88 -7.32 -16.91
CA MET A 611 13.90 -7.83 -17.87
C MET A 611 14.43 -9.08 -18.57
N TRP A 612 15.70 -9.03 -19.01
CA TRP A 612 16.32 -10.19 -19.65
C TRP A 612 16.32 -11.40 -18.73
N ASN A 613 16.67 -11.17 -17.47
CA ASN A 613 16.71 -12.25 -16.49
C ASN A 613 15.32 -12.81 -16.25
N SER A 614 14.29 -11.96 -16.33
CA SER A 614 12.92 -12.43 -16.10
C SER A 614 12.50 -13.40 -17.22
N TYR A 615 13.10 -13.25 -18.40
CA TYR A 615 12.83 -14.17 -19.49
C TYR A 615 13.59 -15.47 -19.24
N ASP A 616 14.90 -15.38 -19.00
CA ASP A 616 15.73 -16.53 -18.73
C ASP A 616 17.03 -16.04 -18.10
N ALA A 617 17.46 -16.71 -17.05
CA ALA A 617 18.73 -16.37 -16.38
C ALA A 617 19.94 -16.46 -17.33
N THR A 618 19.80 -17.22 -18.42
CA THR A 618 20.90 -17.41 -19.36
C THR A 618 20.84 -16.52 -20.60
N ALA A 619 19.90 -15.57 -20.65
CA ALA A 619 19.69 -14.76 -21.86
C ALA A 619 20.82 -13.78 -22.18
N GLY A 620 21.60 -13.41 -21.15
CA GLY A 620 22.73 -12.50 -21.30
C GLY A 620 22.39 -11.21 -22.03
N THR A 621 23.05 -10.98 -23.16
CA THR A 621 22.74 -9.80 -23.99
C THR A 621 22.20 -10.23 -25.36
N SER A 622 21.69 -11.46 -25.43
CA SER A 622 21.23 -12.02 -26.70
C SER A 622 19.88 -11.42 -27.15
N ARG A 623 19.50 -11.73 -28.37
CA ARG A 623 18.23 -11.30 -28.93
C ARG A 623 17.04 -12.09 -28.35
N LYS A 624 17.33 -13.23 -27.72
CA LYS A 624 16.29 -14.23 -27.39
C LYS A 624 14.98 -13.68 -26.79
N PRO A 625 15.04 -12.80 -25.74
CA PRO A 625 13.79 -12.34 -25.12
C PRO A 625 12.88 -11.52 -26.04
N MET A 626 13.42 -11.02 -27.16
CA MET A 626 12.68 -10.15 -28.07
C MET A 626 12.55 -10.73 -29.47
N SER A 627 12.85 -12.02 -29.61
CA SER A 627 12.98 -12.64 -30.93
C SER A 627 11.85 -13.58 -31.30
N TYR A 628 11.33 -13.41 -32.52
CA TYR A 628 10.38 -14.36 -33.08
C TYR A 628 11.06 -15.72 -33.29
N PHE A 629 12.23 -15.71 -33.92
CA PHE A 629 12.90 -16.95 -34.35
C PHE A 629 13.43 -17.79 -33.20
N GLU A 630 13.64 -17.18 -32.05
CA GLU A 630 14.06 -17.94 -30.87
C GLU A 630 12.86 -18.42 -30.00
N ASN A 631 11.64 -18.04 -30.37
CA ASN A 631 10.48 -18.39 -29.53
C ASN A 631 9.30 -19.01 -30.30
N THR A 632 9.58 -19.59 -31.48
CA THR A 632 8.51 -20.07 -32.36
C THR A 632 7.64 -21.18 -31.75
N THR A 633 8.20 -21.95 -30.81
CA THR A 633 7.44 -23.04 -30.19
C THR A 633 6.56 -22.54 -29.05
N ASN A 634 6.86 -21.36 -28.51
CA ASN A 634 5.98 -20.72 -27.54
C ASN A 634 6.17 -19.21 -27.47
N LEU A 635 5.48 -18.50 -28.35
CA LEU A 635 5.66 -17.06 -28.48
C LEU A 635 5.21 -16.28 -27.23
N SER A 636 4.28 -16.85 -26.46
CA SER A 636 3.78 -16.21 -25.25
C SER A 636 4.91 -15.99 -24.19
N LYS A 637 6.02 -16.70 -24.33
CA LYS A 637 7.15 -16.54 -23.41
C LYS A 637 8.02 -15.32 -23.70
N ALA A 638 8.02 -14.84 -24.94
CA ALA A 638 8.83 -13.68 -25.31
C ALA A 638 8.34 -12.42 -24.56
N LEU A 639 9.27 -11.51 -24.30
CA LEU A 639 8.91 -10.17 -23.82
C LEU A 639 8.18 -9.43 -24.95
N GLY A 640 8.58 -9.73 -26.17
CA GLY A 640 8.00 -9.13 -27.36
C GLY A 640 8.61 -9.79 -28.58
N TYR A 641 8.06 -9.52 -29.74
CA TYR A 641 8.59 -10.12 -30.98
C TYR A 641 7.89 -9.50 -32.17
N ILE A 642 8.49 -9.67 -33.34
CA ILE A 642 7.92 -9.18 -34.58
C ILE A 642 7.33 -10.39 -35.31
N ASP A 643 6.09 -10.25 -35.80
CA ASP A 643 5.45 -11.34 -36.55
C ASP A 643 5.91 -11.28 -38.02
N GLN A 644 5.90 -12.43 -38.70
CA GLN A 644 6.46 -12.50 -40.05
C GLN A 644 5.41 -12.45 -41.16
N THR A 645 4.18 -12.06 -40.82
CA THR A 645 3.12 -11.85 -41.83
C THR A 645 2.96 -10.35 -42.15
N ASP A 646 2.81 -9.57 -41.08
CA ASP A 646 2.60 -8.13 -41.15
C ASP A 646 3.76 -7.30 -40.61
N PHE A 647 4.68 -7.94 -39.87
CA PHE A 647 5.86 -7.25 -39.35
C PHE A 647 5.55 -6.21 -38.27
N LYS A 648 4.45 -6.44 -37.56
CA LYS A 648 4.12 -5.65 -36.36
C LYS A 648 4.99 -6.11 -35.19
N VAL A 649 5.31 -5.16 -34.31
CA VAL A 649 5.95 -5.50 -33.04
C VAL A 649 4.82 -5.87 -32.09
N HIS A 650 4.96 -7.03 -31.46
CA HIS A 650 4.01 -7.49 -30.45
C HIS A 650 4.65 -7.40 -29.08
N ILE A 651 3.92 -6.89 -28.09
CA ILE A 651 4.39 -6.82 -26.70
C ILE A 651 3.43 -7.70 -25.89
N ASN A 652 4.01 -8.68 -25.20
CA ASN A 652 3.19 -9.64 -24.45
C ASN A 652 2.72 -9.04 -23.12
N PRO A 653 1.55 -9.48 -22.62
CA PRO A 653 0.93 -8.84 -21.44
C PRO A 653 1.61 -9.07 -20.09
N ASN A 654 1.64 -8.02 -19.28
CA ASN A 654 2.06 -8.03 -17.87
C ASN A 654 3.54 -8.31 -17.58
N LEU A 655 4.38 -8.39 -18.61
CA LEU A 655 5.81 -8.75 -18.42
C LEU A 655 6.71 -7.54 -18.18
N TRP A 656 6.39 -6.42 -18.82
CA TRP A 656 7.23 -5.23 -18.67
C TRP A 656 6.97 -4.52 -17.36
N ARG A 657 7.68 -4.97 -16.33
CA ARG A 657 7.51 -4.54 -14.95
C ARG A 657 8.61 -5.15 -14.09
N ASN A 658 8.76 -4.63 -12.88
CA ASN A 658 9.44 -5.42 -11.84
C ASN A 658 8.64 -5.34 -10.53
N LYS A 659 9.24 -5.75 -9.42
CA LYS A 659 8.55 -5.74 -8.13
C LYS A 659 8.01 -4.37 -7.73
N ASP A 660 8.60 -3.30 -8.29
CA ASP A 660 8.20 -1.94 -7.91
C ASP A 660 7.11 -1.34 -8.78
N GLY A 661 6.78 -1.98 -9.89
CA GLY A 661 5.70 -1.48 -10.73
C GLY A 661 5.91 -1.69 -12.21
N TYR A 662 4.87 -1.33 -12.97
CA TYR A 662 4.90 -1.47 -14.42
C TYR A 662 5.86 -0.46 -15.06
N ALA A 663 6.46 -0.87 -16.17
CA ALA A 663 7.31 0.02 -16.96
C ALA A 663 6.55 1.31 -17.32
N ASN A 664 7.26 2.42 -17.22
CA ASN A 664 6.78 3.70 -17.72
C ASN A 664 8.02 4.38 -18.30
N GLY A 665 8.17 4.25 -19.62
CA GLY A 665 9.44 4.59 -20.25
C GLY A 665 9.46 4.06 -21.68
N ALA A 666 10.59 4.21 -22.35
CA ALA A 666 10.67 3.90 -23.78
C ALA A 666 11.86 2.99 -24.09
N MET A 667 11.64 2.03 -24.99
CA MET A 667 12.67 1.06 -25.35
C MET A 667 12.94 1.13 -26.84
N ILE A 668 14.21 1.10 -27.17
CA ILE A 668 14.62 0.96 -28.58
C ILE A 668 15.67 -0.15 -28.71
N GLY A 669 15.54 -0.94 -29.77
CA GLY A 669 16.52 -1.99 -30.09
C GLY A 669 16.79 -2.05 -31.58
N GLN A 670 17.97 -2.53 -31.95
CA GLN A 670 18.27 -2.77 -33.35
C GLN A 670 17.52 -4.00 -33.86
N ILE A 671 16.93 -3.82 -35.05
CA ILE A 671 16.19 -4.84 -35.76
C ILE A 671 16.94 -5.14 -37.06
N THR A 672 16.99 -6.42 -37.44
CA THR A 672 17.66 -6.81 -38.69
C THR A 672 16.66 -7.46 -39.64
N TYR A 673 16.95 -7.40 -40.93
CA TYR A 673 16.07 -8.01 -41.93
C TYR A 673 16.82 -8.85 -42.96
N ASP A 674 16.05 -9.71 -43.63
CA ASP A 674 16.53 -10.58 -44.70
C ASP A 674 15.47 -10.50 -45.81
N VAL A 675 15.91 -10.43 -47.06
CA VAL A 675 14.99 -10.37 -48.20
C VAL A 675 14.87 -11.70 -48.98
N THR A 676 15.36 -12.78 -48.39
CA THR A 676 15.33 -14.10 -49.04
C THR A 676 14.71 -15.18 -48.17
N GLY A 677 13.81 -14.78 -47.27
CA GLY A 677 13.00 -15.74 -46.51
C GLY A 677 13.70 -16.43 -45.36
N LYS A 678 14.86 -15.90 -44.94
CA LYS A 678 15.63 -16.54 -43.87
C LYS A 678 15.66 -15.73 -42.56
N ASP A 679 15.88 -16.43 -41.44
CA ASP A 679 16.14 -15.82 -40.14
C ASP A 679 17.23 -14.75 -40.33
N PRO A 680 16.94 -13.48 -40.00
CA PRO A 680 17.87 -12.38 -40.32
C PRO A 680 18.98 -12.12 -39.27
N GLN A 681 19.22 -13.09 -38.39
CA GLN A 681 20.18 -12.93 -37.29
C GLN A 681 21.60 -12.50 -37.73
N ALA A 682 22.04 -12.95 -38.91
CA ALA A 682 23.40 -12.65 -39.38
C ALA A 682 23.43 -11.56 -40.45
N ALA A 683 22.36 -10.76 -40.55
CA ALA A 683 22.34 -9.62 -41.50
C ALA A 683 23.56 -8.73 -41.29
N THR A 684 24.16 -8.29 -42.39
CA THR A 684 25.37 -7.46 -42.37
C THR A 684 25.01 -6.01 -42.06
N SER A 685 26.02 -5.16 -41.90
CA SER A 685 25.82 -3.81 -41.35
C SER A 685 24.74 -2.95 -42.02
N GLY A 686 24.56 -3.12 -43.33
CA GLY A 686 23.62 -2.27 -44.09
C GLY A 686 22.16 -2.71 -43.98
N ALA A 687 21.93 -3.87 -43.38
CA ALA A 687 20.59 -4.40 -43.17
C ALA A 687 20.20 -4.38 -41.68
N ARG A 688 20.64 -3.34 -40.96
CA ARG A 688 20.42 -3.20 -39.52
C ARG A 688 19.89 -1.80 -39.30
N VAL A 689 18.74 -1.70 -38.63
CA VAL A 689 18.04 -0.42 -38.42
C VAL A 689 17.41 -0.40 -37.02
N SER A 690 17.07 0.80 -36.52
CA SER A 690 16.28 0.90 -35.27
CA SER A 690 16.27 0.89 -35.28
C SER A 690 15.08 1.80 -35.55
N PRO A 691 14.05 1.25 -36.22
CA PRO A 691 12.95 2.01 -36.81
C PRO A 691 11.75 2.31 -35.91
N ILE A 692 11.76 1.80 -34.67
CA ILE A 692 10.58 1.93 -33.80
C ILE A 692 10.94 2.07 -32.31
N PHE A 693 10.25 2.98 -31.63
CA PHE A 693 10.40 3.16 -30.20
C PHE A 693 9.14 2.62 -29.55
N ILE A 694 9.32 1.84 -28.50
CA ILE A 694 8.18 1.34 -27.72
CA ILE A 694 8.18 1.35 -27.73
C ILE A 694 8.05 2.20 -26.47
N TRP A 695 6.91 2.87 -26.32
CA TRP A 695 6.66 3.69 -25.13
C TRP A 695 5.62 3.01 -24.27
N PHE A 696 6.02 2.52 -23.10
CA PHE A 696 5.13 1.85 -22.16
C PHE A 696 4.53 2.86 -21.18
N ASP A 697 3.21 2.79 -20.97
CA ASP A 697 2.52 3.61 -19.96
C ASP A 697 1.17 2.97 -19.73
N THR A 698 0.86 2.66 -18.48
CA THR A 698 -0.44 2.10 -18.15
C THR A 698 -1.60 3.06 -18.44
N LYS A 699 -1.31 4.33 -18.69
CA LYS A 699 -2.36 5.28 -19.13
C LYS A 699 -2.77 5.13 -20.60
N PHE A 700 -1.99 4.37 -21.37
CA PHE A 700 -2.29 4.15 -22.78
C PHE A 700 -3.42 3.15 -22.99
#